data_1AQS
#
_entry.id   1AQS
#
_cell.length_a   1.000
_cell.length_b   1.000
_cell.length_c   1.000
_cell.angle_alpha   90.00
_cell.angle_beta   90.00
_cell.angle_gamma   90.00
#
_symmetry.space_group_name_H-M   'P 1'
#
loop_
_entity.id
_entity.type
_entity.pdbx_description
1 polymer CU-METALLOTHIONEIN
2 non-polymer 'COPPER (I) ION'
#
_entity_poly.entity_id   1
_entity_poly.type   'polypeptide(L)'
_entity_poly.pdbx_seq_one_letter_code
;QNEGHECQCQCGSCKNNEQCQKSCSCPTGCNSDDKCPCGNKSEETKKSCCSGK
;
_entity_poly.pdbx_strand_id   A
#
loop_
_chem_comp.id
_chem_comp.type
_chem_comp.name
_chem_comp.formula
CU1 non-polymer 'COPPER (I) ION' 'Cu 1'
#
# COMPACT_ATOMS: atom_id res chain seq x y z
N GLN A 1 11.39 14.23 4.65
CA GLN A 1 11.55 14.22 3.17
C GLN A 1 11.07 12.89 2.59
N ASN A 2 10.99 11.87 3.41
CA ASN A 2 10.53 10.55 2.91
C ASN A 2 9.30 10.08 3.69
N GLU A 3 8.18 9.96 3.04
CA GLU A 3 6.95 9.51 3.76
C GLU A 3 6.13 8.56 2.87
N GLY A 4 5.59 9.06 1.80
CA GLY A 4 4.79 8.19 0.89
C GLY A 4 5.60 7.85 -0.35
N HIS A 5 5.14 6.92 -1.16
CA HIS A 5 5.89 6.57 -2.39
C HIS A 5 4.92 6.22 -3.51
N GLU A 6 4.57 4.97 -3.63
CA GLU A 6 3.61 4.57 -4.70
C GLU A 6 3.00 3.21 -4.37
N CYS A 7 1.84 3.21 -3.75
CA CYS A 7 1.19 1.95 -3.42
C CYS A 7 0.51 1.39 -4.65
N GLN A 8 1.23 0.62 -5.41
CA GLN A 8 0.60 -0.02 -6.56
C GLN A 8 -0.06 -1.28 -6.01
N CYS A 9 -0.24 -1.32 -4.70
CA CYS A 9 -0.84 -2.50 -4.06
C CYS A 9 -2.13 -2.89 -4.74
N GLN A 10 -2.23 -4.15 -5.02
CA GLN A 10 -3.45 -4.70 -5.64
C GLN A 10 -4.11 -5.62 -4.62
N CYS A 11 -3.69 -5.51 -3.39
CA CYS A 11 -4.24 -6.36 -2.32
C CYS A 11 -5.76 -6.24 -2.25
N GLY A 12 -6.32 -6.41 -1.09
CA GLY A 12 -7.80 -6.30 -0.94
C GLY A 12 -8.11 -5.04 -0.14
N SER A 13 -7.15 -4.56 0.60
CA SER A 13 -7.37 -3.33 1.40
C SER A 13 -6.63 -2.16 0.76
N CYS A 14 -6.00 -2.40 -0.36
CA CYS A 14 -5.27 -1.33 -1.06
C CYS A 14 -6.05 -0.89 -2.27
N LYS A 15 -6.71 -1.82 -2.86
CA LYS A 15 -7.53 -1.54 -4.07
C LYS A 15 -8.80 -0.77 -3.69
N ASN A 16 -9.29 -0.96 -2.50
CA ASN A 16 -10.52 -0.24 -2.08
C ASN A 16 -10.16 1.04 -1.32
N ASN A 17 -8.94 1.16 -0.89
CA ASN A 17 -8.52 2.38 -0.14
C ASN A 17 -7.61 3.25 -1.03
N GLU A 18 -8.17 4.23 -1.69
CA GLU A 18 -7.35 5.10 -2.57
C GLU A 18 -6.74 6.25 -1.78
N GLN A 19 -6.93 6.25 -0.50
CA GLN A 19 -6.35 7.35 0.33
C GLN A 19 -4.94 6.99 0.78
N CYS A 20 -4.47 5.85 0.37
CA CYS A 20 -3.10 5.43 0.75
C CYS A 20 -2.34 4.95 -0.48
N GLN A 21 -2.90 5.16 -1.65
CA GLN A 21 -2.21 4.72 -2.89
C GLN A 21 -1.10 5.72 -3.26
N LYS A 22 -0.90 6.70 -2.43
CA LYS A 22 0.16 7.72 -2.70
C LYS A 22 1.01 7.93 -1.45
N SER A 23 0.73 7.19 -0.42
CA SER A 23 1.50 7.33 0.85
C SER A 23 1.34 6.08 1.71
N CYS A 24 1.41 4.92 1.11
CA CYS A 24 1.24 3.67 1.88
C CYS A 24 2.56 3.37 2.60
N SER A 25 2.62 2.39 3.45
CA SER A 25 3.89 2.13 4.18
C SER A 25 4.51 0.80 3.75
N CYS A 26 4.47 0.50 2.48
CA CYS A 26 5.04 -0.78 2.00
C CYS A 26 6.24 -0.52 1.06
N PRO A 27 7.14 -1.46 1.04
CA PRO A 27 8.33 -1.36 0.17
C PRO A 27 7.96 -1.72 -1.26
N THR A 28 8.93 -1.92 -2.11
CA THR A 28 8.61 -2.28 -3.52
C THR A 28 8.44 -3.79 -3.65
N GLY A 29 7.72 -4.35 -2.73
CA GLY A 29 7.44 -5.80 -2.77
C GLY A 29 5.99 -6.00 -2.36
N CYS A 30 5.22 -4.93 -2.40
CA CYS A 30 3.79 -5.03 -2.00
C CYS A 30 2.91 -5.13 -3.25
N ASN A 31 3.22 -6.05 -4.11
CA ASN A 31 2.40 -6.21 -5.36
C ASN A 31 1.53 -7.47 -5.25
N SER A 32 1.37 -8.00 -4.06
CA SER A 32 0.54 -9.22 -3.91
C SER A 32 -0.08 -9.26 -2.50
N ASP A 33 -1.29 -9.75 -2.40
CA ASP A 33 -1.95 -9.80 -1.06
C ASP A 33 -1.20 -10.75 -0.13
N ASP A 34 -0.47 -10.22 0.82
CA ASP A 34 0.29 -11.06 1.76
C ASP A 34 0.30 -10.42 3.12
N LYS A 35 1.43 -10.29 3.67
CA LYS A 35 1.55 -9.63 4.98
C LYS A 35 1.63 -8.14 4.72
N CYS A 36 0.97 -7.73 3.68
CA CYS A 36 0.97 -6.30 3.29
C CYS A 36 0.65 -5.41 4.50
N PRO A 37 1.69 -4.80 5.03
CA PRO A 37 1.54 -3.91 6.19
C PRO A 37 1.28 -2.49 5.71
N CYS A 38 0.25 -2.30 4.93
CA CYS A 38 -0.06 -0.93 4.42
C CYS A 38 -0.49 -0.02 5.57
N GLY A 39 -1.07 1.10 5.25
CA GLY A 39 -1.51 2.05 6.31
C GLY A 39 -2.40 1.32 7.31
N ASN A 40 -3.55 0.88 6.88
CA ASN A 40 -4.48 0.17 7.81
C ASN A 40 -5.39 -0.79 7.03
CU CU1 B . 0.57 0.49 -1.08
CU CU1 C . -1.70 -3.80 0.14
CU CU1 D . -2.34 1.75 -0.20
CU CU1 E . 1.05 0.19 1.59
CU CU1 F . 0.27 -4.53 -1.19
CU CU1 G . 1.03 -3.12 1.70
CU CU1 H . -0.71 -0.87 0.18
N GLN A 1 12.22 12.87 6.58
CA GLN A 1 11.51 11.68 7.15
C GLN A 1 11.07 10.75 6.02
N ASN A 2 10.55 9.60 6.36
CA ASN A 2 10.11 8.64 5.30
C ASN A 2 8.68 8.15 5.60
N GLU A 3 7.72 8.68 4.91
CA GLU A 3 6.31 8.24 5.15
C GLU A 3 5.91 7.15 4.16
N GLY A 4 5.34 7.52 3.04
CA GLY A 4 4.93 6.49 2.04
C GLY A 4 5.43 6.89 0.66
N HIS A 5 4.80 6.40 -0.38
CA HIS A 5 5.26 6.75 -1.76
C HIS A 5 4.15 6.49 -2.76
N GLU A 6 4.20 5.39 -3.47
CA GLU A 6 3.13 5.10 -4.47
C GLU A 6 2.61 3.68 -4.27
N CYS A 7 1.47 3.53 -3.64
CA CYS A 7 0.90 2.20 -3.42
C CYS A 7 0.31 1.69 -4.72
N GLN A 8 1.09 0.98 -5.48
CA GLN A 8 0.54 0.38 -6.70
C GLN A 8 -0.05 -0.96 -6.26
N CYS A 9 -0.31 -1.08 -4.97
CA CYS A 9 -0.85 -2.33 -4.42
C CYS A 9 -2.13 -2.76 -5.11
N GLN A 10 -2.17 -4.00 -5.46
CA GLN A 10 -3.38 -4.57 -6.10
C GLN A 10 -4.02 -5.52 -5.09
N CYS A 11 -3.58 -5.46 -3.86
CA CYS A 11 -4.12 -6.33 -2.81
C CYS A 11 -5.64 -6.19 -2.72
N GLY A 12 -6.19 -6.48 -1.57
CA GLY A 12 -7.66 -6.37 -1.39
C GLY A 12 -7.95 -5.18 -0.48
N SER A 13 -7.00 -4.81 0.32
CA SER A 13 -7.20 -3.64 1.23
C SER A 13 -6.52 -2.41 0.63
N CYS A 14 -5.94 -2.57 -0.52
CA CYS A 14 -5.27 -1.44 -1.19
C CYS A 14 -6.13 -0.92 -2.32
N LYS A 15 -6.81 -1.82 -2.93
CA LYS A 15 -7.71 -1.45 -4.07
C LYS A 15 -8.86 -0.59 -3.55
N ASN A 16 -9.35 -0.88 -2.36
CA ASN A 16 -10.48 -0.08 -1.80
C ASN A 16 -9.91 1.15 -1.08
N ASN A 17 -9.13 0.96 -0.06
CA ASN A 17 -8.55 2.11 0.67
C ASN A 17 -7.66 2.92 -0.28
N GLU A 18 -8.22 3.86 -0.98
CA GLU A 18 -7.40 4.67 -1.93
C GLU A 18 -6.80 5.89 -1.22
N GLN A 19 -6.98 5.97 0.05
CA GLN A 19 -6.40 7.13 0.81
C GLN A 19 -4.91 6.92 1.04
N CYS A 20 -4.38 5.83 0.54
CA CYS A 20 -2.94 5.55 0.74
C CYS A 20 -2.31 5.10 -0.58
N GLN A 21 -2.88 5.48 -1.70
CA GLN A 21 -2.31 5.05 -3.00
C GLN A 21 -1.07 5.90 -3.33
N LYS A 22 -0.71 6.78 -2.45
CA LYS A 22 0.48 7.64 -2.71
C LYS A 22 1.23 7.90 -1.39
N SER A 23 0.89 7.19 -0.36
CA SER A 23 1.57 7.39 0.96
C SER A 23 1.61 6.08 1.73
N CYS A 24 1.57 4.97 1.04
CA CYS A 24 1.59 3.66 1.71
C CYS A 24 3.04 3.32 2.08
N SER A 25 3.27 2.75 3.23
CA SER A 25 4.67 2.42 3.63
C SER A 25 5.02 0.97 3.30
N CYS A 26 4.88 0.58 2.06
CA CYS A 26 5.21 -0.81 1.67
C CYS A 26 6.50 -0.84 0.84
N PRO A 27 7.22 -1.93 0.97
CA PRO A 27 8.49 -2.08 0.23
C PRO A 27 8.20 -2.37 -1.24
N THR A 28 9.21 -2.64 -2.03
CA THR A 28 8.97 -2.94 -3.47
C THR A 28 8.74 -4.43 -3.66
N GLY A 29 7.98 -5.00 -2.78
CA GLY A 29 7.64 -6.45 -2.87
C GLY A 29 6.17 -6.58 -2.51
N CYS A 30 5.45 -5.49 -2.57
CA CYS A 30 4.00 -5.53 -2.22
C CYS A 30 3.16 -5.73 -3.48
N ASN A 31 3.47 -6.73 -4.25
CA ASN A 31 2.71 -7.00 -5.49
C ASN A 31 1.66 -8.10 -5.25
N SER A 32 1.41 -8.41 -4.02
CA SER A 32 0.39 -9.46 -3.71
C SER A 32 -0.15 -9.27 -2.29
N ASP A 33 -1.22 -9.94 -1.96
CA ASP A 33 -1.79 -9.80 -0.59
C ASP A 33 -0.96 -10.60 0.41
N ASP A 34 -0.08 -9.95 1.12
CA ASP A 34 0.75 -10.65 2.11
C ASP A 34 0.63 -9.96 3.44
N LYS A 35 1.72 -9.72 4.04
CA LYS A 35 1.71 -8.99 5.34
C LYS A 35 1.68 -7.51 5.00
N CYS A 36 1.08 -7.21 3.90
CA CYS A 36 0.97 -5.80 3.44
C CYS A 36 0.43 -4.91 4.57
N PRO A 37 1.34 -4.16 5.15
CA PRO A 37 0.98 -3.26 6.26
C PRO A 37 0.41 -1.94 5.73
N CYS A 38 -0.54 -2.00 4.86
CA CYS A 38 -1.14 -0.76 4.30
C CYS A 38 -2.40 -0.40 5.05
N GLY A 39 -2.53 -1.03 6.13
CA GLY A 39 -3.72 -0.82 7.02
C GLY A 39 -3.36 -1.18 8.46
N ASN A 40 -2.89 -2.38 8.68
CA ASN A 40 -2.52 -2.79 10.08
C ASN A 40 -1.03 -2.55 10.31
CU CU1 B . 0.50 0.52 -1.41
CU CU1 C . -1.56 -3.81 -0.31
CU CU1 D . -2.30 1.80 -0.23
CU CU1 E . 1.09 0.25 1.04
CU CU1 F . 0.45 -4.73 -1.49
CU CU1 G . 1.30 -3.04 1.16
CU CU1 H . -0.85 -0.58 -0.30
N GLN A 1 10.24 11.03 8.37
CA GLN A 1 9.14 12.04 8.39
C GLN A 1 8.05 11.66 7.40
N ASN A 2 8.37 11.55 6.14
CA ASN A 2 7.34 11.18 5.13
C ASN A 2 7.87 10.06 4.22
N GLU A 3 7.22 8.93 4.22
CA GLU A 3 7.68 7.81 3.36
C GLU A 3 6.56 7.40 2.39
N GLY A 4 6.05 8.33 1.64
CA GLY A 4 4.96 8.01 0.68
C GLY A 4 5.52 7.91 -0.74
N HIS A 5 4.79 7.33 -1.66
CA HIS A 5 5.30 7.21 -3.05
C HIS A 5 4.13 7.03 -4.02
N GLU A 6 3.82 5.81 -4.36
CA GLU A 6 2.68 5.56 -5.29
C GLU A 6 2.10 4.18 -5.05
N CYS A 7 1.06 4.09 -4.26
CA CYS A 7 0.46 2.79 -3.98
C CYS A 7 -0.35 2.34 -5.17
N GLN A 8 0.29 1.76 -6.13
CA GLN A 8 -0.47 1.21 -7.26
C GLN A 8 -0.97 -0.15 -6.80
N CYS A 9 -0.93 -0.37 -5.49
CA CYS A 9 -1.36 -1.65 -4.92
C CYS A 9 -2.73 -2.06 -5.40
N GLN A 10 -2.82 -3.29 -5.80
CA GLN A 10 -4.10 -3.87 -6.25
C GLN A 10 -4.48 -4.96 -5.26
N CYS A 11 -3.87 -4.89 -4.10
CA CYS A 11 -4.15 -5.90 -3.05
C CYS A 11 -5.65 -5.98 -2.75
N GLY A 12 -5.99 -6.31 -1.54
CA GLY A 12 -7.44 -6.40 -1.17
C GLY A 12 -7.79 -5.20 -0.29
N SER A 13 -6.80 -4.59 0.29
CA SER A 13 -7.06 -3.40 1.14
C SER A 13 -6.50 -2.15 0.46
N CYS A 14 -5.99 -2.30 -0.72
CA CYS A 14 -5.42 -1.15 -1.44
C CYS A 14 -6.35 -0.76 -2.57
N LYS A 15 -6.97 -1.73 -3.13
CA LYS A 15 -7.93 -1.49 -4.25
C LYS A 15 -9.07 -0.59 -3.80
N ASN A 16 -9.58 -0.80 -2.62
CA ASN A 16 -10.71 0.04 -2.12
C ASN A 16 -10.19 1.15 -1.21
N ASN A 17 -9.15 0.88 -0.45
CA ASN A 17 -8.60 1.92 0.46
C ASN A 17 -7.67 2.85 -0.30
N GLU A 18 -8.20 3.90 -0.89
CA GLU A 18 -7.33 4.85 -1.65
C GLU A 18 -6.83 5.95 -0.71
N GLN A 19 -7.09 5.81 0.55
CA GLN A 19 -6.62 6.84 1.53
C GLN A 19 -5.10 6.81 1.64
N CYS A 20 -4.48 5.85 1.01
CA CYS A 20 -3.01 5.75 1.05
C CYS A 20 -2.46 5.53 -0.35
N GLN A 21 -3.20 5.89 -1.36
CA GLN A 21 -2.72 5.69 -2.76
C GLN A 21 -1.64 6.71 -3.11
N LYS A 22 -1.25 7.54 -2.19
CA LYS A 22 -0.19 8.54 -2.49
C LYS A 22 0.82 8.60 -1.33
N SER A 23 0.67 7.76 -0.36
CA SER A 23 1.61 7.75 0.80
C SER A 23 1.53 6.41 1.53
N CYS A 24 1.46 5.34 0.79
CA CYS A 24 1.34 4.00 1.43
C CYS A 24 2.72 3.55 1.92
N SER A 25 2.77 2.59 2.79
CA SER A 25 4.09 2.12 3.31
C SER A 25 4.43 0.76 2.73
N CYS A 26 4.33 0.61 1.44
CA CYS A 26 4.64 -0.70 0.80
C CYS A 26 6.14 -0.91 0.62
N PRO A 27 6.66 -1.86 1.35
CA PRO A 27 8.11 -2.19 1.25
C PRO A 27 8.34 -2.97 -0.04
N THR A 28 9.53 -3.48 -0.25
CA THR A 28 9.78 -4.25 -1.50
C THR A 28 9.48 -5.72 -1.27
N GLY A 29 8.38 -5.98 -0.63
CA GLY A 29 7.95 -7.36 -0.37
C GLY A 29 6.43 -7.39 -0.49
N CYS A 30 5.87 -6.39 -1.14
CA CYS A 30 4.39 -6.34 -1.29
C CYS A 30 3.99 -6.86 -2.66
N ASN A 31 4.44 -8.03 -3.01
CA ASN A 31 4.10 -8.60 -4.34
C ASN A 31 2.84 -9.47 -4.24
N SER A 32 2.32 -9.65 -3.06
CA SER A 32 1.10 -10.49 -2.89
C SER A 32 0.08 -9.78 -1.99
N ASP A 33 -1.11 -10.31 -1.90
CA ASP A 33 -2.14 -9.66 -1.04
C ASP A 33 -1.97 -10.12 0.42
N ASP A 34 -0.88 -10.80 0.70
CA ASP A 34 -0.65 -11.26 2.09
C ASP A 34 0.75 -10.85 2.53
N LYS A 35 1.12 -9.67 2.16
CA LYS A 35 2.44 -9.12 2.52
C LYS A 35 2.36 -7.62 2.38
N CYS A 36 1.22 -7.09 2.69
CA CYS A 36 0.99 -5.62 2.56
C CYS A 36 0.90 -4.95 3.92
N PRO A 37 2.02 -4.49 4.41
CA PRO A 37 2.06 -3.79 5.70
C PRO A 37 1.71 -2.31 5.49
N CYS A 38 0.66 -2.06 4.75
CA CYS A 38 0.25 -0.65 4.47
C CYS A 38 -0.37 -0.01 5.71
N GLY A 39 -1.06 1.06 5.51
CA GLY A 39 -1.71 1.76 6.67
C GLY A 39 -2.74 0.83 7.32
N ASN A 40 -3.73 0.43 6.58
CA ASN A 40 -4.77 -0.48 7.15
C ASN A 40 -4.57 -1.90 6.63
CU CU1 B . 0.33 1.05 -1.80
CU CU1 C . -1.57 -3.26 -0.60
CU CU1 D . -2.43 2.03 -0.28
CU CU1 E . 1.11 0.47 0.70
CU CU1 F . 0.80 -5.06 -1.91
CU CU1 G . 1.05 -2.82 0.45
CU CU1 H . -1.26 -0.07 0.18
N GLN A 1 3.59 16.56 8.25
CA GLN A 1 3.17 16.26 6.85
C GLN A 1 4.26 15.45 6.14
N ASN A 2 3.92 14.30 5.62
CA ASN A 2 4.94 13.48 4.92
C ASN A 2 4.30 12.75 3.73
N GLU A 3 5.10 12.14 2.89
CA GLU A 3 4.53 11.42 1.72
C GLU A 3 5.28 10.11 1.49
N GLY A 4 4.57 9.02 1.39
CA GLY A 4 5.25 7.71 1.17
C GLY A 4 5.87 7.69 -0.24
N HIS A 5 5.15 7.17 -1.20
CA HIS A 5 5.71 7.13 -2.59
C HIS A 5 4.56 6.98 -3.58
N GLU A 6 4.18 5.78 -3.86
CA GLU A 6 3.06 5.54 -4.81
C GLU A 6 2.51 4.13 -4.60
N CYS A 7 1.44 4.00 -3.86
CA CYS A 7 0.88 2.68 -3.63
C CYS A 7 0.11 2.23 -4.86
N GLN A 8 0.79 1.63 -5.77
CA GLN A 8 0.10 1.09 -6.94
C GLN A 8 -0.51 -0.24 -6.49
N CYS A 9 -0.58 -0.44 -5.19
CA CYS A 9 -1.10 -1.71 -4.66
C CYS A 9 -2.47 -2.04 -5.22
N GLN A 10 -2.59 -3.24 -5.68
CA GLN A 10 -3.87 -3.74 -6.22
C GLN A 10 -4.28 -4.91 -5.34
N CYS A 11 -3.74 -4.94 -4.14
CA CYS A 11 -4.05 -6.02 -3.21
C CYS A 11 -5.56 -6.15 -2.98
N GLY A 12 -5.96 -6.50 -1.79
CA GLY A 12 -7.41 -6.63 -1.50
C GLY A 12 -7.83 -5.45 -0.62
N SER A 13 -6.87 -4.82 0.00
CA SER A 13 -7.19 -3.65 0.87
C SER A 13 -6.58 -2.39 0.29
N CYS A 14 -5.98 -2.50 -0.86
CA CYS A 14 -5.36 -1.32 -1.51
C CYS A 14 -6.21 -0.88 -2.68
N LYS A 15 -6.79 -1.84 -3.32
CA LYS A 15 -7.65 -1.56 -4.50
C LYS A 15 -8.91 -0.79 -4.07
N ASN A 16 -9.29 -0.91 -2.82
CA ASN A 16 -10.51 -0.20 -2.35
C ASN A 16 -10.11 0.97 -1.44
N ASN A 17 -9.19 0.75 -0.54
CA ASN A 17 -8.77 1.85 0.37
C ASN A 17 -7.74 2.74 -0.34
N GLU A 18 -8.19 3.82 -0.93
CA GLU A 18 -7.25 4.72 -1.65
C GLU A 18 -6.70 5.78 -0.69
N GLN A 19 -6.96 5.62 0.57
CA GLN A 19 -6.44 6.62 1.56
C GLN A 19 -4.94 6.46 1.72
N CYS A 20 -4.38 5.47 1.08
CA CYS A 20 -2.92 5.25 1.17
C CYS A 20 -2.35 4.95 -0.21
N GLN A 21 -3.02 5.38 -1.25
CA GLN A 21 -2.51 5.09 -2.62
C GLN A 21 -1.48 6.14 -3.04
N LYS A 22 -1.09 7.00 -2.15
CA LYS A 22 -0.08 8.05 -2.51
C LYS A 22 0.94 8.24 -1.38
N SER A 23 0.83 7.45 -0.35
CA SER A 23 1.79 7.58 0.79
C SER A 23 1.77 6.29 1.61
N CYS A 24 1.72 5.16 0.96
CA CYS A 24 1.66 3.88 1.67
C CYS A 24 3.06 3.49 2.17
N SER A 25 3.16 2.72 3.20
CA SER A 25 4.51 2.34 3.73
C SER A 25 4.89 0.93 3.27
N CYS A 26 4.81 0.66 2.00
CA CYS A 26 5.17 -0.69 1.51
C CYS A 26 6.44 -0.65 0.65
N PRO A 27 7.30 -1.61 0.88
CA PRO A 27 8.57 -1.69 0.13
C PRO A 27 8.32 -2.34 -1.22
N THR A 28 9.36 -2.74 -1.90
CA THR A 28 9.18 -3.40 -3.23
C THR A 28 9.00 -4.90 -3.04
N GLY A 29 8.19 -5.25 -2.09
CA GLY A 29 7.91 -6.69 -1.83
C GLY A 29 6.42 -6.81 -1.52
N CYS A 30 5.67 -5.80 -1.88
CA CYS A 30 4.20 -5.82 -1.60
C CYS A 30 3.45 -6.36 -2.82
N ASN A 31 3.84 -7.50 -3.30
CA ASN A 31 3.16 -8.10 -4.47
C ASN A 31 2.24 -9.24 -4.02
N SER A 32 1.82 -9.22 -2.79
CA SER A 32 0.93 -10.30 -2.30
C SER A 32 -0.25 -9.70 -1.51
N ASP A 33 -1.24 -10.49 -1.20
CA ASP A 33 -2.40 -9.95 -0.44
C ASP A 33 -2.27 -10.31 1.05
N ASP A 34 -1.18 -10.91 1.41
CA ASP A 34 -0.98 -11.27 2.85
C ASP A 34 0.42 -10.85 3.29
N LYS A 35 0.82 -9.70 2.83
CA LYS A 35 2.14 -9.14 3.20
C LYS A 35 2.09 -7.65 2.93
N CYS A 36 0.95 -7.10 3.17
CA CYS A 36 0.75 -5.65 2.90
C CYS A 36 0.58 -4.87 4.21
N PRO A 37 1.66 -4.27 4.64
CA PRO A 37 1.65 -3.46 5.88
C PRO A 37 1.17 -2.03 5.55
N CYS A 38 0.05 -1.92 4.90
CA CYS A 38 -0.48 -0.59 4.51
C CYS A 38 -1.48 -0.11 5.53
N GLY A 39 -1.46 -0.77 6.60
CA GLY A 39 -2.39 -0.44 7.73
C GLY A 39 -1.62 0.28 8.83
N ASN A 40 -0.35 0.05 8.93
CA ASN A 40 0.45 0.73 9.99
C ASN A 40 1.00 2.06 9.47
CU CU1 B . 0.58 0.89 -1.49
CU CU1 C . -1.59 -3.48 -0.51
CU CU1 D . -2.34 1.62 -0.14
CU CU1 E . 1.08 0.47 1.05
CU CU1 F . 0.52 -4.30 -1.60
CU CU1 G . 1.08 -2.83 1.16
CU CU1 H . -1.03 -0.27 -0.05
N GLN A 1 4.61 7.21 7.97
CA GLN A 1 3.82 8.48 8.02
C GLN A 1 4.75 9.68 7.88
N ASN A 2 5.48 9.75 6.80
CA ASN A 2 6.40 10.90 6.59
C ASN A 2 6.64 11.13 5.10
N GLU A 3 6.78 10.07 4.34
CA GLU A 3 7.00 10.23 2.87
C GLU A 3 6.49 9.00 2.13
N GLY A 4 5.41 9.15 1.40
CA GLY A 4 4.87 7.99 0.64
C GLY A 4 5.74 7.73 -0.60
N HIS A 5 5.33 6.83 -1.45
CA HIS A 5 6.13 6.56 -2.68
C HIS A 5 5.20 6.29 -3.85
N GLU A 6 4.73 5.08 -3.97
CA GLU A 6 3.80 4.74 -5.08
C GLU A 6 3.02 3.47 -4.75
N CYS A 7 1.83 3.59 -4.24
CA CYS A 7 1.06 2.39 -3.91
C CYS A 7 0.21 1.99 -5.10
N GLN A 8 0.83 1.40 -6.07
CA GLN A 8 0.04 0.89 -7.20
C GLN A 8 -0.55 -0.44 -6.72
N CYS A 9 -0.45 -0.68 -5.42
CA CYS A 9 -0.95 -1.92 -4.83
C CYS A 9 -2.29 -2.32 -5.40
N GLN A 10 -2.38 -3.56 -5.77
CA GLN A 10 -3.64 -4.11 -6.31
C GLN A 10 -4.14 -5.13 -5.29
N CYS A 11 -3.63 -5.05 -4.09
CA CYS A 11 -4.02 -5.98 -3.02
C CYS A 11 -5.54 -5.97 -2.83
N GLY A 12 -5.98 -6.24 -1.63
CA GLY A 12 -7.44 -6.23 -1.35
C GLY A 12 -7.76 -4.99 -0.51
N SER A 13 -6.78 -4.46 0.15
CA SER A 13 -7.02 -3.25 0.98
C SER A 13 -6.38 -2.03 0.33
N CYS A 14 -5.80 -2.22 -0.83
CA CYS A 14 -5.16 -1.10 -1.55
C CYS A 14 -6.04 -0.68 -2.71
N LYS A 15 -6.67 -1.64 -3.29
CA LYS A 15 -7.57 -1.35 -4.44
C LYS A 15 -8.84 -0.66 -3.93
N ASN A 16 -9.29 -1.03 -2.76
CA ASN A 16 -10.52 -0.39 -2.20
C ASN A 16 -10.14 0.89 -1.47
N ASN A 17 -9.51 0.78 -0.33
CA ASN A 17 -9.11 2.00 0.43
C ASN A 17 -8.13 2.82 -0.41
N GLU A 18 -8.60 3.87 -1.02
CA GLU A 18 -7.70 4.71 -1.85
C GLU A 18 -7.07 5.81 -1.01
N GLN A 19 -7.22 5.75 0.28
CA GLN A 19 -6.62 6.81 1.13
C GLN A 19 -5.16 6.48 1.43
N CYS A 20 -4.67 5.41 0.87
CA CYS A 20 -3.25 5.04 1.10
C CYS A 20 -2.55 4.75 -0.22
N GLN A 21 -3.09 5.22 -1.31
CA GLN A 21 -2.44 4.98 -2.64
C GLN A 21 -1.41 6.07 -2.93
N LYS A 22 -1.22 6.96 -2.00
CA LYS A 22 -0.22 8.05 -2.19
C LYS A 22 0.64 8.19 -0.93
N SER A 23 0.47 7.30 0.00
CA SER A 23 1.27 7.34 1.26
C SER A 23 1.22 5.97 1.92
N CYS A 24 1.33 4.93 1.14
CA CYS A 24 1.27 3.56 1.68
C CYS A 24 2.65 3.24 2.29
N SER A 25 2.70 2.47 3.34
CA SER A 25 4.04 2.19 3.96
C SER A 25 4.58 0.82 3.52
N CYS A 26 4.65 0.59 2.24
CA CYS A 26 5.17 -0.72 1.77
C CYS A 26 6.38 -0.53 0.85
N PRO A 27 7.30 -1.45 0.93
CA PRO A 27 8.52 -1.40 0.11
C PRO A 27 8.21 -1.93 -1.30
N THR A 28 9.22 -2.15 -2.10
CA THR A 28 8.97 -2.66 -3.47
C THR A 28 8.93 -4.18 -3.46
N GLY A 29 8.25 -4.73 -2.50
CA GLY A 29 8.11 -6.20 -2.40
C GLY A 29 6.66 -6.49 -1.99
N CYS A 30 5.81 -5.51 -2.15
CA CYS A 30 4.37 -5.70 -1.76
C CYS A 30 3.56 -6.21 -2.94
N ASN A 31 3.81 -7.43 -3.32
CA ASN A 31 3.07 -8.02 -4.47
C ASN A 31 2.09 -9.10 -3.98
N SER A 32 1.81 -9.13 -2.70
CA SER A 32 0.88 -10.17 -2.17
C SER A 32 -0.25 -9.50 -1.38
N ASP A 33 -1.39 -10.13 -1.29
CA ASP A 33 -2.52 -9.53 -0.52
C ASP A 33 -2.47 -9.97 0.95
N ASP A 34 -1.46 -10.71 1.31
CA ASP A 34 -1.34 -11.15 2.72
C ASP A 34 0.05 -10.82 3.23
N LYS A 35 0.54 -9.69 2.83
CA LYS A 35 1.87 -9.22 3.26
C LYS A 35 1.92 -7.74 3.02
N CYS A 36 0.82 -7.10 3.25
CA CYS A 36 0.71 -5.64 3.02
C CYS A 36 0.62 -4.88 4.35
N PRO A 37 1.76 -4.45 4.83
CA PRO A 37 1.82 -3.67 6.09
C PRO A 37 1.54 -2.20 5.79
N CYS A 38 0.51 -1.94 5.02
CA CYS A 38 0.17 -0.54 4.65
C CYS A 38 -0.35 0.23 5.86
N GLY A 39 -1.00 1.33 5.62
CA GLY A 39 -1.54 2.15 6.75
C GLY A 39 -2.67 1.39 7.44
N ASN A 40 -3.12 0.31 6.85
CA ASN A 40 -4.24 -0.47 7.48
C ASN A 40 -3.72 -1.24 8.70
CU CU1 B . 0.68 0.71 -1.59
CU CU1 C . -1.46 -3.37 -0.48
CU CU1 D . -2.23 1.59 -0.29
CU CU1 E . 1.20 0.41 1.24
CU CU1 F . 0.60 -4.56 -1.48
CU CU1 G . 1.26 -2.89 1.20
CU CU1 H . -1.03 -0.20 0.33
N GLN A 1 5.34 5.30 9.03
CA GLN A 1 4.39 6.38 9.44
C GLN A 1 4.63 7.64 8.61
N ASN A 2 5.84 8.12 8.58
CA ASN A 2 6.14 9.35 7.78
C ASN A 2 7.10 9.01 6.63
N GLU A 3 6.82 7.98 5.89
CA GLU A 3 7.71 7.61 4.76
C GLU A 3 6.89 6.98 3.63
N GLY A 4 5.65 7.38 3.50
CA GLY A 4 4.79 6.80 2.42
C GLY A 4 5.33 7.25 1.06
N HIS A 5 4.78 6.75 -0.01
CA HIS A 5 5.26 7.15 -1.36
C HIS A 5 4.17 6.92 -2.40
N GLU A 6 4.23 5.84 -3.13
CA GLU A 6 3.18 5.58 -4.14
C GLU A 6 2.68 4.14 -4.02
N CYS A 7 1.54 3.94 -3.41
CA CYS A 7 1.00 2.59 -3.27
C CYS A 7 0.42 2.15 -4.60
N GLN A 8 1.22 1.50 -5.38
CA GLN A 8 0.70 0.97 -6.64
C GLN A 8 0.05 -0.37 -6.28
N CYS A 9 -0.21 -0.56 -5.00
CA CYS A 9 -0.81 -1.84 -4.55
C CYS A 9 -2.12 -2.14 -5.25
N GLN A 10 -2.22 -3.34 -5.72
CA GLN A 10 -3.46 -3.81 -6.37
C GLN A 10 -3.99 -4.95 -5.54
N CYS A 11 -3.52 -5.05 -4.32
CA CYS A 11 -3.96 -6.13 -3.42
C CYS A 11 -5.48 -6.12 -3.27
N GLY A 12 -5.97 -6.57 -2.15
CA GLY A 12 -7.45 -6.58 -1.93
C GLY A 12 -7.78 -5.48 -0.92
N SER A 13 -6.82 -5.08 -0.14
CA SER A 13 -7.07 -4.01 0.86
C SER A 13 -6.45 -2.70 0.38
N CYS A 14 -5.87 -2.70 -0.79
CA CYS A 14 -5.26 -1.49 -1.34
C CYS A 14 -6.14 -0.94 -2.45
N LYS A 15 -6.75 -1.83 -3.14
CA LYS A 15 -7.65 -1.43 -4.25
C LYS A 15 -8.93 -0.79 -3.70
N ASN A 16 -9.28 -1.12 -2.49
CA ASN A 16 -10.51 -0.53 -1.88
C ASN A 16 -10.17 0.81 -1.22
N ASN A 17 -9.26 0.81 -0.28
CA ASN A 17 -8.89 2.08 0.40
C ASN A 17 -7.88 2.86 -0.45
N GLU A 18 -8.34 3.84 -1.17
CA GLU A 18 -7.42 4.64 -2.02
C GLU A 18 -6.87 5.84 -1.24
N GLN A 19 -7.08 5.85 0.04
CA GLN A 19 -6.57 6.99 0.86
C GLN A 19 -5.08 6.81 1.14
N CYS A 20 -4.52 5.72 0.68
CA CYS A 20 -3.08 5.48 0.90
C CYS A 20 -2.40 5.11 -0.42
N GLN A 21 -3.00 5.44 -1.53
CA GLN A 21 -2.40 5.09 -2.84
C GLN A 21 -1.29 6.09 -3.21
N LYS A 22 -0.90 6.93 -2.29
CA LYS A 22 0.17 7.92 -2.60
C LYS A 22 1.03 8.20 -1.36
N SER A 23 0.89 7.39 -0.34
CA SER A 23 1.70 7.61 0.89
C SER A 23 1.73 6.33 1.72
N CYS A 24 1.64 5.20 1.09
CA CYS A 24 1.64 3.92 1.83
C CYS A 24 3.09 3.55 2.21
N SER A 25 3.30 2.74 3.20
CA SER A 25 4.70 2.40 3.59
C SER A 25 5.08 0.98 3.14
N CYS A 26 4.78 0.63 1.92
CA CYS A 26 5.14 -0.73 1.42
C CYS A 26 6.32 -0.65 0.45
N PRO A 27 7.18 -1.63 0.54
CA PRO A 27 8.36 -1.69 -0.34
C PRO A 27 7.97 -2.30 -1.68
N THR A 28 8.92 -2.61 -2.51
CA THR A 28 8.59 -3.22 -3.83
C THR A 28 8.51 -4.73 -3.70
N GLY A 29 7.87 -5.17 -2.67
CA GLY A 29 7.70 -6.63 -2.44
C GLY A 29 6.26 -6.85 -1.98
N CYS A 30 5.41 -5.90 -2.24
CA CYS A 30 3.99 -6.03 -1.82
C CYS A 30 3.13 -6.52 -2.98
N ASN A 31 3.53 -7.61 -3.58
CA ASN A 31 2.76 -8.17 -4.72
C ASN A 31 1.78 -9.24 -4.22
N SER A 32 1.81 -9.55 -2.95
CA SER A 32 0.88 -10.60 -2.42
C SER A 32 -0.34 -9.94 -1.76
N ASP A 33 -0.95 -10.61 -0.83
CA ASP A 33 -2.14 -10.02 -0.16
C ASP A 33 -2.10 -10.31 1.35
N ASP A 34 -1.04 -10.89 1.82
CA ASP A 34 -0.95 -11.18 3.28
C ASP A 34 0.40 -10.72 3.82
N LYS A 35 0.85 -9.62 3.32
CA LYS A 35 2.13 -9.03 3.77
C LYS A 35 2.12 -7.58 3.37
N CYS A 36 0.96 -7.00 3.46
CA CYS A 36 0.79 -5.57 3.08
C CYS A 36 0.58 -4.68 4.30
N PRO A 37 1.65 -4.07 4.74
CA PRO A 37 1.58 -3.15 5.90
C PRO A 37 1.13 -1.77 5.43
N CYS A 38 0.10 -1.71 4.63
CA CYS A 38 -0.38 -0.40 4.12
C CYS A 38 -1.12 0.37 5.22
N GLY A 39 -1.88 1.35 4.82
CA GLY A 39 -2.64 2.15 5.83
C GLY A 39 -3.66 1.24 6.53
N ASN A 40 -4.53 0.62 5.79
CA ASN A 40 -5.54 -0.27 6.42
C ASN A 40 -5.02 -1.70 6.48
CU CU1 B . 0.50 0.83 -1.36
CU CU1 C . -1.47 -3.74 -0.60
CU CU1 D . -2.46 1.74 -0.21
CU CU1 E . 0.99 0.33 1.09
CU CU1 F . 0.39 -5.38 -0.99
CU CU1 G . 1.27 -2.97 1.09
CU CU1 H . -0.92 -0.51 -0.29
N GLN A 1 8.32 11.78 10.29
CA GLN A 1 8.14 10.32 10.05
C GLN A 1 7.41 10.09 8.72
N ASN A 2 7.82 10.78 7.68
CA ASN A 2 7.16 10.60 6.36
C ASN A 2 7.75 9.39 5.63
N GLU A 3 6.94 8.40 5.35
CA GLU A 3 7.46 7.19 4.65
C GLU A 3 6.48 6.74 3.55
N GLY A 4 5.49 7.55 3.25
CA GLY A 4 4.51 7.16 2.21
C GLY A 4 5.06 7.57 0.83
N HIS A 5 4.55 6.98 -0.22
CA HIS A 5 5.06 7.34 -1.57
C HIS A 5 3.99 7.02 -2.63
N GLU A 6 4.11 5.91 -3.31
CA GLU A 6 3.10 5.58 -4.35
C GLU A 6 2.61 4.13 -4.17
N CYS A 7 1.47 3.95 -3.58
CA CYS A 7 0.93 2.60 -3.39
C CYS A 7 0.27 2.16 -4.69
N GLN A 8 1.01 1.53 -5.54
CA GLN A 8 0.40 1.00 -6.76
C GLN A 8 -0.15 -0.36 -6.37
N CYS A 9 -0.35 -0.57 -5.08
CA CYS A 9 -0.85 -1.86 -4.60
C CYS A 9 -2.13 -2.25 -5.31
N GLN A 10 -2.13 -3.45 -5.79
CA GLN A 10 -3.32 -4.01 -6.48
C GLN A 10 -3.85 -5.15 -5.64
N CYS A 11 -3.43 -5.19 -4.39
CA CYS A 11 -3.87 -6.27 -3.48
C CYS A 11 -5.40 -6.33 -3.40
N GLY A 12 -5.91 -6.62 -2.25
CA GLY A 12 -7.39 -6.69 -2.08
C GLY A 12 -7.81 -5.64 -1.05
N SER A 13 -6.87 -5.13 -0.31
CA SER A 13 -7.20 -4.09 0.70
C SER A 13 -6.57 -2.75 0.29
N CYS A 14 -5.91 -2.74 -0.83
CA CYS A 14 -5.28 -1.50 -1.31
C CYS A 14 -6.14 -0.87 -2.39
N LYS A 15 -6.76 -1.71 -3.14
CA LYS A 15 -7.64 -1.23 -4.25
C LYS A 15 -8.87 -0.53 -3.66
N ASN A 16 -9.26 -0.91 -2.48
CA ASN A 16 -10.45 -0.27 -1.85
C ASN A 16 -10.00 0.89 -0.95
N ASN A 17 -8.75 0.90 -0.58
CA ASN A 17 -8.23 1.99 0.29
C ASN A 17 -7.46 3.02 -0.55
N GLU A 18 -8.14 3.95 -1.15
CA GLU A 18 -7.43 4.97 -1.98
C GLU A 18 -6.88 6.08 -1.10
N GLN A 19 -7.00 5.93 0.19
CA GLN A 19 -6.49 6.98 1.11
C GLN A 19 -5.00 6.77 1.37
N CYS A 20 -4.43 5.77 0.78
CA CYS A 20 -2.99 5.49 0.96
C CYS A 20 -2.36 5.09 -0.37
N GLN A 21 -3.01 5.38 -1.46
CA GLN A 21 -2.44 5.02 -2.79
C GLN A 21 -1.36 6.02 -3.21
N LYS A 22 -0.98 6.89 -2.32
CA LYS A 22 0.06 7.90 -2.66
C LYS A 22 0.95 8.17 -1.44
N SER A 23 0.82 7.38 -0.42
CA SER A 23 1.66 7.60 0.80
C SER A 23 1.69 6.32 1.64
N CYS A 24 1.64 5.18 1.01
CA CYS A 24 1.64 3.92 1.76
C CYS A 24 3.08 3.57 2.16
N SER A 25 3.27 2.71 3.12
CA SER A 25 4.66 2.38 3.55
C SER A 25 5.04 0.97 3.10
N CYS A 26 4.79 0.63 1.87
CA CYS A 26 5.13 -0.73 1.39
C CYS A 26 6.36 -0.67 0.47
N PRO A 27 7.24 -1.62 0.66
CA PRO A 27 8.47 -1.69 -0.17
C PRO A 27 8.13 -2.28 -1.54
N THR A 28 9.12 -2.60 -2.31
CA THR A 28 8.84 -3.18 -3.66
C THR A 28 8.73 -4.70 -3.54
N GLY A 29 8.02 -5.14 -2.56
CA GLY A 29 7.80 -6.60 -2.37
C GLY A 29 6.35 -6.78 -1.93
N CYS A 30 5.53 -5.78 -2.15
CA CYS A 30 4.10 -5.87 -1.75
C CYS A 30 3.25 -6.35 -2.92
N ASN A 31 3.52 -7.53 -3.38
CA ASN A 31 2.73 -8.08 -4.52
C ASN A 31 1.81 -9.20 -4.04
N SER A 32 1.72 -9.40 -2.75
CA SER A 32 0.84 -10.48 -2.22
C SER A 32 -0.40 -9.86 -1.56
N ASP A 33 -1.14 -10.65 -0.82
CA ASP A 33 -2.36 -10.11 -0.16
C ASP A 33 -2.32 -10.39 1.34
N ASP A 34 -1.23 -10.93 1.82
CA ASP A 34 -1.11 -11.22 3.28
C ASP A 34 0.25 -10.79 3.79
N LYS A 35 0.72 -9.70 3.29
CA LYS A 35 2.02 -9.15 3.71
C LYS A 35 2.05 -7.68 3.33
N CYS A 36 0.90 -7.08 3.41
CA CYS A 36 0.76 -5.65 3.03
C CYS A 36 0.55 -4.77 4.27
N PRO A 37 1.62 -4.18 4.73
CA PRO A 37 1.54 -3.27 5.90
C PRO A 37 1.12 -1.87 5.44
N CYS A 38 0.07 -1.80 4.66
CA CYS A 38 -0.40 -0.48 4.16
C CYS A 38 -1.17 0.27 5.25
N GLY A 39 -1.91 1.26 4.86
CA GLY A 39 -2.69 2.04 5.87
C GLY A 39 -3.85 1.19 6.39
N ASN A 40 -4.22 0.17 5.66
CA ASN A 40 -5.34 -0.71 6.11
C ASN A 40 -4.90 -1.57 7.28
CU CU1 B . 0.53 0.77 -1.37
CU CU1 C . -1.50 -3.78 -0.63
CU CU1 D . -2.36 1.80 -0.14
CU CU1 E . 1.00 0.35 1.07
CU CU1 F . 0.48 -5.17 -1.26
CU CU1 G . 1.20 -2.95 1.09
CU CU1 H . -0.92 -0.55 -0.25
N GLN A 1 4.26 15.27 -3.06
CA GLN A 1 4.13 14.12 -2.11
C GLN A 1 5.52 13.61 -1.72
N ASN A 2 5.88 13.75 -0.47
CA ASN A 2 7.23 13.27 -0.02
C ASN A 2 7.08 12.43 1.25
N GLU A 3 5.94 11.83 1.45
CA GLU A 3 5.74 10.99 2.67
C GLU A 3 6.03 9.52 2.35
N GLY A 4 5.16 8.88 1.62
CA GLY A 4 5.38 7.44 1.27
C GLY A 4 6.03 7.34 -0.11
N HIS A 5 5.31 6.80 -1.07
CA HIS A 5 5.88 6.67 -2.44
C HIS A 5 4.75 6.55 -3.46
N GLU A 6 4.33 5.36 -3.73
CA GLU A 6 3.22 5.15 -4.70
C GLU A 6 2.60 3.77 -4.48
N CYS A 7 1.53 3.68 -3.74
CA CYS A 7 0.91 2.39 -3.50
C CYS A 7 0.25 1.92 -4.78
N GLN A 8 1.00 1.26 -5.60
CA GLN A 8 0.40 0.69 -6.82
C GLN A 8 -0.20 -0.64 -6.38
N CYS A 9 -0.36 -0.81 -5.07
CA CYS A 9 -0.90 -2.05 -4.53
C CYS A 9 -2.19 -2.46 -5.22
N GLN A 10 -2.24 -3.70 -5.60
CA GLN A 10 -3.46 -4.25 -6.24
C GLN A 10 -4.09 -5.22 -5.26
N CYS A 11 -3.63 -5.19 -4.03
CA CYS A 11 -4.17 -6.10 -3.01
C CYS A 11 -5.68 -5.95 -2.90
N GLY A 12 -6.24 -6.34 -1.79
CA GLY A 12 -7.71 -6.22 -1.61
C GLY A 12 -7.99 -5.03 -0.69
N SER A 13 -7.04 -4.70 0.15
CA SER A 13 -7.23 -3.54 1.06
C SER A 13 -6.57 -2.30 0.47
N CYS A 14 -6.01 -2.44 -0.70
CA CYS A 14 -5.35 -1.29 -1.36
C CYS A 14 -6.21 -0.80 -2.50
N LYS A 15 -6.84 -1.72 -3.13
CA LYS A 15 -7.74 -1.40 -4.27
C LYS A 15 -9.03 -0.76 -3.75
N ASN A 16 -9.40 -1.07 -2.53
CA ASN A 16 -10.64 -0.49 -1.95
C ASN A 16 -10.30 0.80 -1.19
N ASN A 17 -9.21 0.79 -0.48
CA ASN A 17 -8.80 2.01 0.28
C ASN A 17 -7.85 2.86 -0.56
N GLU A 18 -8.36 3.85 -1.23
CA GLU A 18 -7.50 4.71 -2.08
C GLU A 18 -6.98 5.90 -1.27
N GLN A 19 -7.19 5.88 0.02
CA GLN A 19 -6.71 7.01 0.85
C GLN A 19 -5.22 6.84 1.15
N CYS A 20 -4.62 5.82 0.61
CA CYS A 20 -3.18 5.59 0.84
C CYS A 20 -2.47 5.21 -0.46
N GLN A 21 -3.00 5.61 -1.58
CA GLN A 21 -2.35 5.26 -2.87
C GLN A 21 -1.21 6.23 -3.18
N LYS A 22 -0.82 7.04 -2.24
CA LYS A 22 0.29 8.01 -2.49
C LYS A 22 1.16 8.17 -1.24
N SER A 23 0.93 7.36 -0.25
CA SER A 23 1.75 7.45 0.99
C SER A 23 1.65 6.15 1.78
N CYS A 24 1.58 5.04 1.10
CA CYS A 24 1.46 3.74 1.79
C CYS A 24 2.83 3.30 2.32
N SER A 25 2.89 2.78 3.51
CA SER A 25 4.22 2.36 4.06
C SER A 25 4.59 0.95 3.58
N CYS A 26 4.68 0.74 2.30
CA CYS A 26 5.05 -0.60 1.78
C CYS A 26 6.32 -0.52 0.93
N PRO A 27 7.13 -1.53 1.06
CA PRO A 27 8.39 -1.60 0.28
C PRO A 27 8.09 -2.05 -1.14
N THR A 28 9.10 -2.33 -1.93
CA THR A 28 8.84 -2.78 -3.32
C THR A 28 8.72 -4.29 -3.36
N GLY A 29 8.01 -4.82 -2.43
CA GLY A 29 7.78 -6.29 -2.38
C GLY A 29 6.33 -6.51 -1.97
N CYS A 30 5.51 -5.49 -2.11
CA CYS A 30 4.08 -5.61 -1.72
C CYS A 30 3.26 -6.13 -2.90
N ASN A 31 3.67 -7.22 -3.48
CA ASN A 31 2.90 -7.79 -4.61
C ASN A 31 1.95 -8.89 -4.13
N SER A 32 2.05 -9.25 -2.88
CA SER A 32 1.16 -10.31 -2.34
C SER A 32 -0.01 -9.68 -1.57
N ASP A 33 -1.07 -10.41 -1.35
CA ASP A 33 -2.22 -9.84 -0.61
C ASP A 33 -2.17 -10.26 0.86
N ASP A 34 -1.13 -10.93 1.26
CA ASP A 34 -1.01 -11.36 2.68
C ASP A 34 0.35 -10.97 3.23
N LYS A 35 0.81 -9.84 2.80
CA LYS A 35 2.11 -9.32 3.27
C LYS A 35 2.13 -7.82 2.99
N CYS A 36 0.98 -7.23 3.17
CA CYS A 36 0.84 -5.77 2.90
C CYS A 36 0.74 -4.97 4.20
N PRO A 37 1.85 -4.42 4.61
CA PRO A 37 1.90 -3.60 5.84
C PRO A 37 1.48 -2.17 5.51
N CYS A 38 0.38 -2.01 4.83
CA CYS A 38 -0.09 -0.66 4.45
C CYS A 38 -0.70 0.05 5.66
N GLY A 39 -1.44 1.10 5.41
CA GLY A 39 -2.08 1.84 6.53
C GLY A 39 -3.22 1.01 7.11
N ASN A 40 -3.88 0.22 6.31
CA ASN A 40 -5.00 -0.62 6.84
C ASN A 40 -5.26 -1.79 5.89
CU CU1 B . 0.43 0.70 -1.38
CU CU1 C . -1.65 -3.63 -0.42
CU CU1 D . -2.43 1.86 -0.21
CU CU1 E . 0.93 0.44 1.33
CU CU1 F . 0.38 -4.73 -1.36
CU CU1 G . 1.08 -2.86 1.27
CU CU1 H . -1.07 -0.43 0.12
N GLN A 1 4.20 7.52 9.54
CA GLN A 1 4.80 8.66 8.79
C GLN A 1 3.71 9.46 8.08
N ASN A 2 4.07 10.56 7.47
CA ASN A 2 3.06 11.40 6.76
C ASN A 2 3.10 11.11 5.26
N GLU A 3 4.27 10.93 4.71
CA GLU A 3 4.37 10.64 3.25
C GLU A 3 4.82 9.20 3.02
N GLY A 4 4.94 8.79 1.79
CA GLY A 4 5.37 7.39 1.51
C GLY A 4 5.94 7.32 0.09
N HIS A 5 5.21 6.76 -0.83
CA HIS A 5 5.71 6.67 -2.23
C HIS A 5 4.55 6.57 -3.20
N GLU A 6 4.14 5.39 -3.51
CA GLU A 6 2.99 5.21 -4.45
C GLU A 6 2.40 3.81 -4.28
N CYS A 7 1.37 3.66 -3.49
CA CYS A 7 0.78 2.34 -3.30
C CYS A 7 0.06 1.93 -4.57
N GLN A 8 0.78 1.33 -5.45
CA GLN A 8 0.12 0.80 -6.67
C GLN A 8 -0.39 -0.57 -6.27
N CYS A 9 -0.49 -0.80 -4.96
CA CYS A 9 -0.95 -2.10 -4.44
C CYS A 9 -2.20 -2.58 -5.16
N GLN A 10 -2.16 -3.81 -5.53
CA GLN A 10 -3.34 -4.43 -6.19
C GLN A 10 -3.95 -5.41 -5.20
N CYS A 11 -3.53 -5.31 -3.96
CA CYS A 11 -4.05 -6.22 -2.92
C CYS A 11 -5.59 -6.14 -2.86
N GLY A 12 -6.16 -6.48 -1.75
CA GLY A 12 -7.64 -6.43 -1.62
C GLY A 12 -8.00 -5.24 -0.72
N SER A 13 -7.09 -4.85 0.13
CA SER A 13 -7.37 -3.69 1.03
C SER A 13 -6.74 -2.43 0.44
N CYS A 14 -6.10 -2.55 -0.68
CA CYS A 14 -5.48 -1.39 -1.33
C CYS A 14 -6.35 -0.93 -2.49
N LYS A 15 -6.97 -1.87 -3.10
CA LYS A 15 -7.86 -1.57 -4.26
C LYS A 15 -9.09 -0.78 -3.79
N ASN A 16 -9.28 -0.67 -2.50
CA ASN A 16 -10.47 0.08 -1.99
C ASN A 16 -10.01 1.30 -1.19
N ASN A 17 -8.89 1.20 -0.52
CA ASN A 17 -8.39 2.36 0.27
C ASN A 17 -7.64 3.34 -0.63
N GLU A 18 -8.32 4.36 -1.08
CA GLU A 18 -7.65 5.36 -1.97
C GLU A 18 -7.03 6.49 -1.12
N GLN A 19 -6.96 6.31 0.16
CA GLN A 19 -6.38 7.37 1.03
C GLN A 19 -4.91 7.06 1.30
N CYS A 20 -4.41 6.01 0.72
CA CYS A 20 -2.99 5.65 0.93
C CYS A 20 -2.39 5.10 -0.36
N GLN A 21 -3.06 5.29 -1.47
CA GLN A 21 -2.53 4.77 -2.75
C GLN A 21 -1.37 5.63 -3.28
N LYS A 22 -0.91 6.58 -2.50
CA LYS A 22 0.22 7.44 -2.94
C LYS A 22 1.15 7.76 -1.78
N SER A 23 0.95 7.11 -0.66
CA SER A 23 1.82 7.35 0.53
C SER A 23 1.71 6.17 1.50
N CYS A 24 1.62 4.99 0.98
CA CYS A 24 1.49 3.78 1.82
C CYS A 24 2.85 3.38 2.39
N SER A 25 2.86 2.60 3.44
CA SER A 25 4.17 2.19 4.04
C SER A 25 4.62 0.82 3.53
N CYS A 26 4.63 0.63 2.24
CA CYS A 26 5.05 -0.68 1.69
C CYS A 26 6.31 -0.53 0.84
N PRO A 27 7.14 -1.53 0.89
CA PRO A 27 8.41 -1.53 0.13
C PRO A 27 8.15 -1.99 -1.31
N THR A 28 9.18 -2.23 -2.06
CA THR A 28 8.96 -2.68 -3.47
C THR A 28 8.91 -4.20 -3.51
N GLY A 29 8.21 -4.77 -2.58
CA GLY A 29 8.05 -6.23 -2.54
C GLY A 29 6.60 -6.51 -2.17
N CYS A 30 5.75 -5.53 -2.35
CA CYS A 30 4.31 -5.70 -2.02
C CYS A 30 3.55 -6.26 -3.22
N ASN A 31 4.00 -7.35 -3.75
CA ASN A 31 3.31 -7.97 -4.92
C ASN A 31 2.36 -9.07 -4.47
N SER A 32 2.08 -9.15 -3.20
CA SER A 32 1.16 -10.21 -2.69
C SER A 32 -0.04 -9.57 -1.99
N ASP A 33 -0.84 -10.37 -1.31
CA ASP A 33 -2.02 -9.79 -0.61
C ASP A 33 -2.04 -10.23 0.85
N ASP A 34 -0.99 -10.89 1.29
CA ASP A 34 -0.95 -11.33 2.72
C ASP A 34 0.36 -10.91 3.34
N LYS A 35 0.80 -9.75 2.97
CA LYS A 35 2.06 -9.20 3.51
C LYS A 35 2.03 -7.70 3.28
N CYS A 36 0.87 -7.15 3.40
CA CYS A 36 0.70 -5.69 3.17
C CYS A 36 0.45 -4.94 4.48
N PRO A 37 1.49 -4.40 5.04
CA PRO A 37 1.39 -3.62 6.28
C PRO A 37 1.00 -2.19 5.95
N CYS A 38 0.03 -2.01 5.10
CA CYS A 38 -0.41 -0.64 4.72
C CYS A 38 -1.12 0.05 5.87
N GLY A 39 -1.85 1.08 5.58
CA GLY A 39 -2.57 1.82 6.65
C GLY A 39 -3.69 0.94 7.21
N ASN A 40 -4.68 0.64 6.41
CA ASN A 40 -5.80 -0.21 6.91
C ASN A 40 -6.03 -1.38 5.94
CU CU1 B . 0.38 0.56 -1.18
CU CU1 C . -1.67 -3.55 -0.36
CU CU1 D . -2.36 1.94 0.05
CU CU1 E . 0.88 0.18 1.39
CU CU1 F . 0.67 -5.26 -1.44
CU CU1 G . 1.25 -3.08 0.96
CU CU1 H . -1.31 -0.34 0.30
N GLN A 1 2.01 7.76 11.00
CA GLN A 1 2.27 9.15 10.51
C GLN A 1 3.55 9.19 9.68
N ASN A 2 3.56 8.55 8.55
CA ASN A 2 4.78 8.55 7.69
C ASN A 2 4.41 8.78 6.23
N GLU A 3 5.24 9.47 5.50
CA GLU A 3 4.94 9.72 4.07
C GLU A 3 5.42 8.55 3.20
N GLY A 4 4.51 7.83 2.61
CA GLY A 4 4.90 6.69 1.75
C GLY A 4 5.32 7.19 0.36
N HIS A 5 4.64 6.76 -0.66
CA HIS A 5 5.00 7.22 -2.04
C HIS A 5 3.79 7.06 -2.96
N GLU A 6 3.74 5.99 -3.72
CA GLU A 6 2.58 5.79 -4.63
C GLU A 6 2.05 4.36 -4.47
N CYS A 7 0.97 4.18 -3.76
CA CYS A 7 0.41 2.84 -3.59
C CYS A 7 -0.35 2.47 -4.84
N GLN A 8 0.32 1.93 -5.79
CA GLN A 8 -0.39 1.46 -6.99
C GLN A 8 -0.83 0.03 -6.63
N CYS A 9 -0.86 -0.26 -5.34
CA CYS A 9 -1.25 -1.59 -4.87
C CYS A 9 -2.54 -2.07 -5.52
N GLN A 10 -2.51 -3.26 -6.00
CA GLN A 10 -3.70 -3.87 -6.62
C GLN A 10 -4.18 -4.97 -5.69
N CYS A 11 -3.69 -4.97 -4.49
CA CYS A 11 -4.08 -6.00 -3.50
C CYS A 11 -5.60 -6.05 -3.35
N GLY A 12 -6.06 -6.49 -2.21
CA GLY A 12 -7.53 -6.55 -1.98
C GLY A 12 -7.91 -5.46 -0.98
N SER A 13 -6.96 -5.01 -0.21
CA SER A 13 -7.24 -3.93 0.77
C SER A 13 -6.68 -2.60 0.28
N CYS A 14 -6.08 -2.62 -0.89
CA CYS A 14 -5.52 -1.38 -1.46
C CYS A 14 -6.44 -0.86 -2.55
N LYS A 15 -7.02 -1.78 -3.23
CA LYS A 15 -7.95 -1.43 -4.34
C LYS A 15 -9.21 -0.74 -3.78
N ASN A 16 -9.36 -0.74 -2.48
CA ASN A 16 -10.56 -0.09 -1.88
C ASN A 16 -10.13 1.06 -0.95
N ASN A 17 -8.97 0.96 -0.36
CA ASN A 17 -8.51 2.05 0.56
C ASN A 17 -7.62 3.03 -0.20
N GLU A 18 -8.20 4.06 -0.76
CA GLU A 18 -7.39 5.05 -1.51
C GLU A 18 -6.86 6.14 -0.57
N GLN A 19 -7.04 5.95 0.71
CA GLN A 19 -6.55 6.96 1.68
C GLN A 19 -5.03 6.91 1.77
N CYS A 20 -4.45 5.94 1.12
CA CYS A 20 -2.99 5.79 1.13
C CYS A 20 -2.49 5.41 -0.26
N GLN A 21 -3.26 5.70 -1.27
CA GLN A 21 -2.85 5.34 -2.65
C GLN A 21 -1.80 6.32 -3.18
N LYS A 22 -1.30 7.19 -2.35
CA LYS A 22 -0.27 8.17 -2.80
C LYS A 22 0.75 8.42 -1.69
N SER A 23 0.73 7.64 -0.65
CA SER A 23 1.70 7.83 0.45
C SER A 23 1.82 6.55 1.29
N CYS A 24 1.65 5.41 0.67
CA CYS A 24 1.72 4.13 1.41
C CYS A 24 3.18 3.75 1.65
N SER A 25 3.47 3.08 2.72
CA SER A 25 4.89 2.68 3.00
C SER A 25 5.13 1.23 2.57
N CYS A 26 4.84 0.91 1.35
CA CYS A 26 5.05 -0.49 0.87
C CYS A 26 6.50 -0.70 0.42
N PRO A 27 7.13 -1.67 1.01
CA PRO A 27 8.52 -2.00 0.64
C PRO A 27 8.52 -2.86 -0.63
N THR A 28 9.65 -3.40 -1.00
CA THR A 28 9.67 -4.25 -2.22
C THR A 28 9.37 -5.70 -1.84
N GLY A 29 8.38 -5.88 -1.02
CA GLY A 29 7.97 -7.24 -0.61
C GLY A 29 6.45 -7.30 -0.64
N CYS A 30 5.84 -6.35 -1.29
CA CYS A 30 4.35 -6.32 -1.36
C CYS A 30 3.89 -6.99 -2.67
N ASN A 31 4.34 -8.18 -2.90
CA ASN A 31 3.95 -8.89 -4.16
C ASN A 31 2.73 -9.77 -3.93
N SER A 32 2.23 -9.84 -2.73
CA SER A 32 1.03 -10.69 -2.47
C SER A 32 -0.02 -9.92 -1.66
N ASP A 33 -1.21 -10.46 -1.56
CA ASP A 33 -2.28 -9.75 -0.79
C ASP A 33 -2.19 -10.14 0.68
N ASP A 34 -1.16 -10.85 1.07
CA ASP A 34 -1.01 -11.23 2.50
C ASP A 34 0.37 -10.84 2.99
N LYS A 35 0.80 -9.71 2.56
CA LYS A 35 2.12 -9.18 2.97
C LYS A 35 2.11 -7.69 2.70
N CYS A 36 0.98 -7.10 2.92
CA CYS A 36 0.79 -5.65 2.68
C CYS A 36 0.67 -4.87 3.99
N PRO A 37 1.80 -4.43 4.49
CA PRO A 37 1.80 -3.64 5.73
C PRO A 37 1.52 -2.17 5.40
N CYS A 38 0.50 -1.93 4.61
CA CYS A 38 0.16 -0.54 4.21
C CYS A 38 -0.31 0.26 5.42
N GLY A 39 -0.95 1.36 5.18
CA GLY A 39 -1.43 2.22 6.30
C GLY A 39 -2.34 1.38 7.21
N ASN A 40 -3.54 1.11 6.79
CA ASN A 40 -4.46 0.30 7.63
C ASN A 40 -3.75 -0.97 8.12
CU CU1 B . 0.29 0.95 -1.69
CU CU1 C . -1.65 -3.51 -0.74
CU CU1 D . -2.30 2.14 -0.03
CU CU1 E . 1.10 0.40 0.63
CU CU1 F . 0.75 -4.86 -2.09
CU CU1 G . 1.01 -2.91 0.57
CU CU1 H . -1.21 -0.31 -0.07
#